data_9EFP
#
_entry.id   9EFP
#
_cell.length_a   74.400
_cell.length_b   74.400
_cell.length_c   195.860
_cell.angle_alpha   90.000
_cell.angle_beta   90.000
_cell.angle_gamma   120.000
#
_symmetry.space_group_name_H-M   'P 32 2 1'
#
loop_
_entity.id
_entity.type
_entity.pdbx_description
1 polymer 'SEC14 cytosolic factor'
2 non-polymer '(2S)-3-(hexadecanoyloxy)-2-[(9Z)-octadec-9-enoyloxy]propyl 2-(trimethylammonio)ethyl phosphate'
3 non-polymer GLYCEROL
4 non-polymer 1,2-ETHANEDIOL
5 non-polymer DI(HYDROXYETHYL)ETHER
6 water water
#
_entity_poly.entity_id   1
_entity_poly.type   'polypeptide(L)'
_entity_poly.pdbx_seq_one_letter_code
;MVTQQEKEFLESYPQN(CME)PPDALPGTPGNLDSAQEKALAELRKLLEDAGFIERLDDSTLLRFLRARKFDVQLAKEMF
ENCEKWRKDYGTDTILQDFHYDEKPLIAKFYPQYYHKTDKDGRPVYFEELGAVNLHEMNKVTSEERMLKNLVWEYESVVQ
YRLPACSRAAGHLVETSCTIMDLKGISISSAYSVMSYVREASYISQNYYPERMGKFYIINAPFGFSTAFRLFKPFLDPVT
VSKIFILGSSYQKELLKQIPAENLPVKFGGKSEVDESKGGLYLSDIGPWRDPKYIGPEGEAPEAFSMK
;
_entity_poly.pdbx_strand_id   A,B
#
loop_
_chem_comp.id
_chem_comp.type
_chem_comp.name
_chem_comp.formula
EDO non-polymer 1,2-ETHANEDIOL 'C2 H6 O2'
GOL non-polymer GLYCEROL 'C3 H8 O3'
PEG non-polymer DI(HYDROXYETHYL)ETHER 'C4 H10 O3'
POV non-polymer '(2S)-3-(hexadecanoyloxy)-2-[(9Z)-octadec-9-enoyloxy]propyl 2-(trimethylammonio)ethyl phosphate' 'C42 H82 N O8 P'
#
# COMPACT_ATOMS: atom_id res chain seq x y z
N SER A 12 -13.35 17.94 -2.22
CA SER A 12 -13.42 16.63 -1.63
C SER A 12 -12.22 15.76 -2.03
N TYR A 13 -11.91 14.79 -1.18
CA TYR A 13 -10.90 13.77 -1.40
C TYR A 13 -11.09 12.70 -0.33
N PRO A 14 -10.47 11.52 -0.47
CA PRO A 14 -10.60 10.48 0.55
C PRO A 14 -10.28 10.94 1.97
N GLN A 15 -11.22 10.68 2.88
CA GLN A 15 -11.22 11.18 4.25
C GLN A 15 -10.97 10.12 5.31
N ASN A 16 -10.85 8.85 4.92
CA ASN A 16 -10.64 7.74 5.85
C ASN A 16 -9.27 7.13 5.63
N CME A 17 -8.55 6.91 6.72
CA CME A 17 -7.28 6.21 6.67
CB CME A 17 -6.61 6.29 8.03
SG CME A 17 -6.26 7.96 8.46
SD CME A 17 -4.45 8.05 7.58
CE CME A 17 -2.82 7.42 8.07
CZ CME A 17 -2.24 8.37 9.11
OH CME A 17 -3.30 8.94 9.85
C CME A 17 -7.51 4.74 6.26
O CME A 17 -8.63 4.25 6.32
N PRO A 18 -6.46 4.04 5.80
CA PRO A 18 -6.63 2.65 5.49
C PRO A 18 -7.04 1.90 6.75
N PRO A 19 -7.81 0.83 6.61
CA PRO A 19 -8.24 0.11 7.81
C PRO A 19 -7.09 -0.51 8.59
N ASP A 20 -5.99 -0.88 7.94
CA ASP A 20 -4.88 -1.46 8.67
C ASP A 20 -4.03 -0.42 9.37
N ALA A 21 -4.43 0.85 9.35
CA ALA A 21 -3.74 1.88 10.11
C ALA A 21 -4.12 1.76 11.58
N LEU A 22 -3.52 2.60 12.42
CA LEU A 22 -3.79 2.54 13.85
C LEU A 22 -5.23 2.94 14.14
N PRO A 23 -5.75 2.53 15.29
CA PRO A 23 -7.06 3.04 15.72
C PRO A 23 -6.93 4.46 16.24
N GLY A 24 -8.08 5.13 16.32
CA GLY A 24 -8.06 6.53 16.62
C GLY A 24 -7.76 7.40 15.42
N THR A 25 -7.62 6.82 14.25
CA THR A 25 -7.48 7.43 12.95
C THR A 25 -8.79 7.29 12.18
N PRO A 26 -9.10 8.24 11.28
CA PRO A 26 -10.42 8.23 10.62
C PRO A 26 -10.73 6.91 9.92
N GLY A 27 -12.00 6.49 10.02
CA GLY A 27 -12.42 5.20 9.53
C GLY A 27 -12.13 4.02 10.43
N ASN A 28 -11.30 4.21 11.46
CA ASN A 28 -10.88 3.14 12.34
C ASN A 28 -11.11 3.56 13.79
N LEU A 29 -12.35 3.92 14.12
CA LEU A 29 -12.73 4.30 15.46
C LEU A 29 -13.61 3.26 16.12
N ASP A 30 -13.36 2.99 17.40
CA ASP A 30 -14.28 2.24 18.22
C ASP A 30 -15.27 3.20 18.85
N SER A 31 -16.32 2.65 19.45
CA SER A 31 -17.42 3.47 19.93
C SER A 31 -16.98 4.50 20.98
N ALA A 32 -15.93 4.19 21.76
CA ALA A 32 -15.45 5.16 22.75
C ALA A 32 -14.70 6.31 22.08
N GLN A 33 -13.87 6.01 21.10
CA GLN A 33 -13.22 7.07 20.33
C GLN A 33 -14.26 7.91 19.60
N GLU A 34 -15.27 7.25 19.02
CA GLU A 34 -16.40 7.93 18.41
C GLU A 34 -17.04 8.93 19.36
N LYS A 35 -17.44 8.45 20.54
CA LYS A 35 -18.05 9.31 21.54
C LYS A 35 -17.11 10.44 21.97
N ALA A 36 -15.80 10.17 22.00
CA ALA A 36 -14.85 11.21 22.35
C ALA A 36 -14.82 12.29 21.28
N LEU A 37 -14.87 11.87 20.02
CA LEU A 37 -14.87 12.82 18.91
C LEU A 37 -16.12 13.67 18.92
N ALA A 38 -17.28 13.04 19.08
CA ALA A 38 -18.52 13.81 19.10
C ALA A 38 -18.55 14.76 20.30
N GLU A 39 -18.07 14.31 21.46
CA GLU A 39 -17.99 15.17 22.62
C GLU A 39 -17.11 16.39 22.36
N LEU A 40 -15.87 16.16 21.91
CA LEU A 40 -14.96 17.26 21.63
C LEU A 40 -15.54 18.22 20.59
N ARG A 41 -16.12 17.67 19.51
CA ARG A 41 -16.74 18.52 18.50
C ARG A 41 -17.82 19.40 19.10
N LYS A 42 -18.67 18.82 19.95
CA LYS A 42 -19.73 19.59 20.57
C LYS A 42 -19.17 20.66 21.49
N LEU A 43 -18.14 20.32 22.27
CA LEU A 43 -17.52 21.34 23.11
C LEU A 43 -17.05 22.51 22.28
N LEU A 44 -16.38 22.20 21.17
CA LEU A 44 -15.82 23.26 20.33
C LEU A 44 -16.93 24.08 19.68
N GLU A 45 -17.90 23.41 19.07
CA GLU A 45 -19.04 24.13 18.49
C GLU A 45 -19.67 25.05 19.52
N ASP A 46 -19.75 24.60 20.77
CA ASP A 46 -20.28 25.45 21.84
C ASP A 46 -19.37 26.63 22.09
N ALA A 47 -18.06 26.44 21.98
CA ALA A 47 -17.12 27.53 22.20
C ALA A 47 -17.16 28.59 21.09
N GLY A 48 -17.82 28.32 19.97
CA GLY A 48 -17.89 29.26 18.87
C GLY A 48 -16.96 28.99 17.70
N PHE A 49 -16.27 27.86 17.68
CA PHE A 49 -15.41 27.52 16.57
C PHE A 49 -16.20 27.04 15.36
N ILE A 50 -15.52 27.02 14.21
CA ILE A 50 -16.19 26.80 12.94
C ILE A 50 -15.30 26.03 11.96
N GLU A 51 -14.04 26.43 11.87
CA GLU A 51 -13.07 25.80 10.99
C GLU A 51 -12.31 24.70 11.72
N ARG A 52 -11.94 23.66 10.98
CA ARG A 52 -11.05 22.61 11.49
C ARG A 52 -11.75 21.76 12.56
N LEU A 53 -13.04 21.51 12.35
CA LEU A 53 -13.85 20.58 13.12
C LEU A 53 -14.09 19.29 12.35
N ASP A 54 -13.25 18.99 11.37
CA ASP A 54 -13.40 17.76 10.63
C ASP A 54 -12.82 16.60 11.43
N ASP A 55 -13.24 15.39 11.08
CA ASP A 55 -12.76 14.20 11.77
C ASP A 55 -11.25 14.17 11.86
N SER A 56 -10.58 14.36 10.72
CA SER A 56 -9.13 14.22 10.70
C SER A 56 -8.47 15.14 11.72
N THR A 57 -8.86 16.41 11.72
CA THR A 57 -8.22 17.37 12.60
C THR A 57 -8.43 17.01 14.04
N LEU A 58 -9.69 16.82 14.41
CA LEU A 58 -10.01 16.56 15.81
C LEU A 58 -9.40 15.27 16.29
N LEU A 59 -9.39 14.24 15.45
CA LEU A 59 -8.75 12.99 15.85
C LEU A 59 -7.25 13.15 15.97
N ARG A 60 -6.65 14.07 15.21
CA ARG A 60 -5.23 14.29 15.38
C ARG A 60 -4.95 14.95 16.73
N PHE A 61 -5.79 15.89 17.14
CA PHE A 61 -5.60 16.49 18.46
C PHE A 61 -5.91 15.48 19.57
N LEU A 62 -6.96 14.68 19.39
CA LEU A 62 -7.28 13.61 20.34
C LEU A 62 -6.11 12.65 20.47
N ARG A 63 -5.68 12.07 19.36
CA ARG A 63 -4.52 11.19 19.37
C ARG A 63 -3.29 11.86 20.00
N ALA A 64 -3.13 13.17 19.81
CA ALA A 64 -2.00 13.83 20.46
C ALA A 64 -2.16 13.84 21.98
N ARG A 65 -3.39 13.80 22.48
CA ARG A 65 -3.63 13.76 23.91
C ARG A 65 -4.18 12.42 24.41
N LYS A 66 -3.90 11.31 23.70
CA LYS A 66 -4.36 9.97 24.07
C LYS A 66 -5.86 9.91 24.33
N PHE A 67 -6.63 10.71 23.61
CA PHE A 67 -8.09 10.79 23.63
C PHE A 67 -8.63 11.38 24.93
N ASP A 68 -7.81 12.12 25.65
CA ASP A 68 -8.31 12.93 26.75
C ASP A 68 -9.03 14.14 26.19
N VAL A 69 -10.33 14.26 26.45
CA VAL A 69 -11.13 15.27 25.75
C VAL A 69 -10.76 16.67 26.21
N GLN A 70 -10.66 16.90 27.51
CA GLN A 70 -10.35 18.25 27.97
C GLN A 70 -8.95 18.68 27.53
N LEU A 71 -7.99 17.77 27.52
CA LEU A 71 -6.64 18.13 27.10
C LEU A 71 -6.56 18.43 25.61
N ALA A 72 -7.20 17.60 24.79
CA ALA A 72 -7.27 17.88 23.37
C ALA A 72 -7.96 19.21 23.10
N LYS A 73 -9.03 19.49 23.83
CA LYS A 73 -9.70 20.78 23.65
C LYS A 73 -8.76 21.94 23.97
N GLU A 74 -8.02 21.85 25.07
CA GLU A 74 -7.05 22.90 25.38
C GLU A 74 -6.00 23.05 24.28
N MET A 75 -5.46 21.94 23.78
CA MET A 75 -4.56 21.96 22.63
C MET A 75 -5.14 22.76 21.46
N PHE A 76 -6.32 22.33 21.01
CA PHE A 76 -6.96 22.94 19.86
C PHE A 76 -7.18 24.42 20.09
N GLU A 77 -7.62 24.80 21.28
CA GLU A 77 -7.88 26.20 21.53
C GLU A 77 -6.60 27.02 21.48
N ASN A 78 -5.53 26.52 22.09
CA ASN A 78 -4.26 27.24 21.98
C ASN A 78 -3.80 27.34 20.53
N CYS A 79 -4.03 26.30 19.75
CA CYS A 79 -3.63 26.34 18.35
C CYS A 79 -4.46 27.36 17.57
N GLU A 80 -5.74 27.43 17.86
CA GLU A 80 -6.60 28.38 17.17
C GLU A 80 -6.16 29.79 17.51
N LYS A 81 -5.83 30.01 18.79
CA LYS A 81 -5.30 31.29 19.24
C LYS A 81 -4.02 31.65 18.50
N TRP A 82 -3.10 30.70 18.36
CA TRP A 82 -1.85 31.00 17.67
C TRP A 82 -2.06 31.24 16.19
N ARG A 83 -2.99 30.49 15.57
CA ARG A 83 -3.29 30.73 14.17
C ARG A 83 -3.75 32.15 13.96
N LYS A 84 -4.55 32.67 14.87
CA LYS A 84 -4.99 34.04 14.69
C LYS A 84 -3.93 35.04 15.12
N ASP A 85 -3.08 34.71 16.10
CA ASP A 85 -2.05 35.65 16.54
C ASP A 85 -0.93 35.78 15.51
N TYR A 86 -0.52 34.66 14.91
CA TYR A 86 0.53 34.59 13.92
C TYR A 86 0.04 34.96 12.53
N GLY A 87 -1.27 35.08 12.34
CA GLY A 87 -1.84 35.24 11.02
C GLY A 87 -1.62 34.05 10.11
N THR A 88 -1.80 32.84 10.63
CA THR A 88 -1.53 31.67 9.82
C THR A 88 -2.59 31.48 8.74
N ASP A 89 -3.82 31.92 9.01
CA ASP A 89 -4.92 31.56 8.13
C ASP A 89 -4.83 32.22 6.76
N THR A 90 -4.11 33.34 6.64
CA THR A 90 -3.82 33.95 5.35
C THR A 90 -2.33 33.93 5.02
N ILE A 91 -1.51 33.21 5.77
CA ILE A 91 -0.07 33.30 5.52
C ILE A 91 0.27 32.92 4.09
N LEU A 92 -0.47 31.97 3.51
CA LEU A 92 -0.12 31.53 2.16
C LEU A 92 -0.15 32.67 1.18
N GLN A 93 -0.99 33.66 1.43
CA GLN A 93 -1.12 34.82 0.58
C GLN A 93 -0.44 36.06 1.13
N ASP A 94 0.04 36.04 2.37
CA ASP A 94 0.62 37.23 2.98
C ASP A 94 2.10 37.09 3.31
N PHE A 95 2.73 35.96 3.01
CA PHE A 95 4.16 35.84 3.24
C PHE A 95 4.84 35.65 1.90
N HIS A 96 5.91 36.42 1.69
CA HIS A 96 6.63 36.48 0.42
C HIS A 96 8.08 36.13 0.73
N TYR A 97 8.45 34.86 0.55
CA TYR A 97 9.78 34.40 0.92
C TYR A 97 10.76 34.64 -0.24
N ASP A 98 10.94 35.93 -0.53
CA ASP A 98 11.73 36.34 -1.67
C ASP A 98 13.14 35.81 -1.60
N GLU A 99 13.70 35.69 -0.41
CA GLU A 99 15.07 35.22 -0.28
C GLU A 99 15.22 33.73 -0.51
N LYS A 100 14.16 33.05 -0.94
CA LYS A 100 14.23 31.60 -1.09
C LYS A 100 15.30 31.14 -2.05
N PRO A 101 15.43 31.68 -3.25
CA PRO A 101 16.51 31.20 -4.13
C PRO A 101 17.90 31.37 -3.55
N LEU A 102 18.11 32.31 -2.65
CA LEU A 102 19.42 32.43 -2.01
C LEU A 102 19.60 31.34 -0.97
N ILE A 103 18.65 31.25 -0.04
CA ILE A 103 18.73 30.28 1.04
C ILE A 103 18.75 28.85 0.48
N ALA A 104 17.96 28.58 -0.56
CA ALA A 104 17.94 27.25 -1.15
C ALA A 104 19.31 26.81 -1.63
N LYS A 105 20.23 27.74 -1.85
CA LYS A 105 21.53 27.30 -2.31
C LYS A 105 22.39 26.82 -1.16
N PHE A 106 22.15 27.32 0.05
CA PHE A 106 22.75 26.75 1.25
C PHE A 106 21.97 25.56 1.78
N TYR A 107 20.65 25.58 1.60
CA TYR A 107 19.73 24.80 2.42
C TYR A 107 18.64 24.24 1.53
N PRO A 108 18.94 23.19 0.78
CA PRO A 108 17.92 22.59 -0.10
C PRO A 108 16.74 22.03 0.70
N GLN A 109 15.53 22.32 0.21
CA GLN A 109 14.28 21.89 0.81
C GLN A 109 13.29 21.60 -0.31
N TYR A 110 13.04 20.33 -0.60
CA TYR A 110 12.23 20.01 -1.77
C TYR A 110 11.39 18.77 -1.52
N TYR A 111 10.47 18.50 -2.43
CA TYR A 111 9.65 17.31 -2.40
C TYR A 111 9.97 16.48 -3.63
N HIS A 112 9.78 15.16 -3.52
CA HIS A 112 9.86 14.32 -4.71
C HIS A 112 9.03 13.06 -4.52
N LYS A 113 7.81 13.08 -5.05
CA LYS A 113 6.94 11.93 -5.20
C LYS A 113 6.36 11.45 -3.87
N THR A 114 6.01 10.16 -3.78
CA THR A 114 5.29 9.62 -2.65
C THR A 114 5.96 8.35 -2.13
N ASP A 115 5.57 7.92 -0.91
CA ASP A 115 6.05 6.65 -0.35
C ASP A 115 5.02 5.55 -0.51
N LYS A 116 5.34 4.37 0.05
CA LYS A 116 4.52 3.18 -0.17
C LYS A 116 3.11 3.34 0.39
N ASP A 117 2.91 4.26 1.33
CA ASP A 117 1.60 4.55 1.87
C ASP A 117 0.97 5.80 1.28
N GLY A 118 1.62 6.40 0.29
CA GLY A 118 1.08 7.57 -0.36
C GLY A 118 1.51 8.89 0.24
N ARG A 119 2.40 8.89 1.20
CA ARG A 119 2.80 10.14 1.83
C ARG A 119 3.73 10.94 0.94
N PRO A 120 3.64 12.28 0.98
CA PRO A 120 4.64 13.09 0.28
C PRO A 120 6.01 12.85 0.87
N VAL A 121 7.01 12.70 0.00
CA VAL A 121 8.40 12.57 0.42
C VAL A 121 9.04 13.95 0.37
N TYR A 122 9.56 14.39 1.50
CA TYR A 122 10.12 15.73 1.68
C TYR A 122 11.57 15.60 2.09
N PHE A 123 12.44 16.37 1.45
CA PHE A 123 13.88 16.25 1.59
C PHE A 123 14.44 17.57 2.06
N GLU A 124 15.45 17.50 2.92
CA GLU A 124 16.28 18.63 3.30
C GLU A 124 17.72 18.17 3.32
N GLU A 125 18.63 19.00 2.84
CA GLU A 125 20.05 18.70 2.86
C GLU A 125 20.76 19.76 3.68
N LEU A 126 21.58 19.33 4.63
CA LEU A 126 22.16 20.21 5.62
C LEU A 126 23.66 20.40 5.45
N GLY A 127 24.28 19.70 4.51
CA GLY A 127 25.72 19.69 4.40
C GLY A 127 26.31 21.01 3.98
N ALA A 128 25.50 21.91 3.44
CA ALA A 128 25.98 23.22 3.01
C ALA A 128 25.45 24.34 3.87
N VAL A 129 24.55 24.05 4.81
CA VAL A 129 24.00 25.09 5.66
C VAL A 129 25.14 25.79 6.38
N ASN A 130 25.23 27.11 6.23
CA ASN A 130 26.19 27.90 6.97
C ASN A 130 25.41 29.02 7.62
N LEU A 131 25.52 29.13 8.93
CA LEU A 131 24.66 30.05 9.65
C LEU A 131 24.95 31.49 9.32
N HIS A 132 26.22 31.83 9.15
CA HIS A 132 26.59 33.23 8.96
C HIS A 132 26.10 33.76 7.63
N GLU A 133 26.26 32.96 6.58
CA GLU A 133 25.76 33.31 5.26
C GLU A 133 24.26 33.56 5.28
N MET A 134 23.48 32.57 5.74
CA MET A 134 22.04 32.78 5.78
C MET A 134 21.66 33.91 6.72
N ASN A 135 22.44 34.12 7.78
CA ASN A 135 22.27 35.30 8.64
C ASN A 135 22.37 36.57 7.81
N LYS A 136 23.24 36.57 6.81
CA LYS A 136 23.28 37.68 5.86
C LYS A 136 22.04 37.71 4.98
N VAL A 137 21.45 36.55 4.70
CA VAL A 137 20.35 36.51 3.74
C VAL A 137 18.95 36.68 4.34
N THR A 138 18.75 36.34 5.63
CA THR A 138 17.39 36.22 6.15
C THR A 138 17.41 36.46 7.66
N SER A 139 16.28 36.20 8.32
CA SER A 139 16.23 36.17 9.78
C SER A 139 15.54 34.89 10.25
N GLU A 140 15.73 34.57 11.52
CA GLU A 140 15.11 33.37 12.08
C GLU A 140 13.59 33.43 11.97
N GLU A 141 13.01 34.60 12.30
CA GLU A 141 11.57 34.77 12.25
C GLU A 141 11.02 34.46 10.87
N ARG A 142 11.72 34.90 9.82
CA ARG A 142 11.24 34.63 8.48
C ARG A 142 11.41 33.16 8.10
N MET A 143 12.48 32.53 8.58
CA MET A 143 12.64 31.12 8.28
C MET A 143 11.50 30.32 8.89
N LEU A 144 11.06 30.72 10.09
CA LEU A 144 9.94 30.02 10.72
C LEU A 144 8.61 30.38 10.08
N LYS A 145 8.45 31.64 9.62
CA LYS A 145 7.31 31.97 8.77
C LYS A 145 7.26 31.05 7.56
N ASN A 146 8.41 30.79 6.95
CA ASN A 146 8.45 29.90 5.81
C ASN A 146 8.12 28.47 6.21
N LEU A 147 8.53 28.05 7.41
CA LEU A 147 8.19 26.72 7.88
C LEU A 147 6.67 26.57 8.02
N VAL A 148 6.03 27.53 8.69
CA VAL A 148 4.57 27.58 8.77
C VAL A 148 3.95 27.58 7.37
N TRP A 149 4.54 28.33 6.45
CA TRP A 149 4.04 28.43 5.08
C TRP A 149 4.07 27.07 4.39
N GLU A 150 5.18 26.37 4.49
CA GLU A 150 5.27 25.04 3.90
C GLU A 150 4.31 24.05 4.57
N TYR A 151 4.03 24.19 5.87
CA TYR A 151 3.04 23.31 6.49
C TYR A 151 1.65 23.55 5.91
N GLU A 152 1.21 24.80 5.90
CA GLU A 152 -0.11 25.08 5.33
C GLU A 152 -0.18 24.67 3.86
N SER A 153 0.93 24.84 3.12
CA SER A 153 0.99 24.46 1.72
C SER A 153 0.84 22.96 1.54
N VAL A 154 1.57 22.17 2.32
CA VAL A 154 1.42 20.73 2.18
C VAL A 154 0.03 20.30 2.61
N VAL A 155 -0.58 21.00 3.57
CA VAL A 155 -1.92 20.65 4.02
C VAL A 155 -2.92 20.91 2.90
N GLN A 156 -2.85 22.09 2.30
CA GLN A 156 -3.90 22.54 1.40
C GLN A 156 -3.75 21.99 0.00
N TYR A 157 -2.53 21.68 -0.42
CA TYR A 157 -2.28 21.26 -1.79
C TYR A 157 -1.76 19.83 -1.90
N ARG A 158 -0.72 19.49 -1.15
CA ARG A 158 -0.02 18.25 -1.42
C ARG A 158 -0.78 17.06 -0.86
N LEU A 159 -1.31 17.19 0.35
CA LEU A 159 -1.99 16.09 0.99
C LEU A 159 -3.30 15.75 0.30
N PRO A 160 -4.10 16.73 -0.14
CA PRO A 160 -5.33 16.33 -0.84
C PRO A 160 -5.05 15.57 -2.13
N ALA A 161 -4.11 16.04 -2.94
CA ALA A 161 -3.77 15.32 -4.15
C ALA A 161 -3.21 13.95 -3.82
N CYS A 162 -2.38 13.88 -2.77
CA CYS A 162 -1.83 12.60 -2.34
C CYS A 162 -2.92 11.63 -1.96
N SER A 163 -3.94 12.12 -1.25
CA SER A 163 -5.07 11.30 -0.83
C SER A 163 -5.86 10.79 -2.02
N ARG A 164 -6.10 11.66 -3.00
CA ARG A 164 -6.77 11.21 -4.23
C ARG A 164 -5.95 10.14 -4.95
N ALA A 165 -4.62 10.28 -4.91
CA ALA A 165 -3.76 9.34 -5.63
C ALA A 165 -3.69 7.98 -4.95
N ALA A 166 -3.65 7.97 -3.61
CA ALA A 166 -3.58 6.70 -2.87
C ALA A 166 -4.93 6.00 -2.78
N GLY A 167 -6.02 6.76 -2.80
CA GLY A 167 -7.33 6.19 -2.61
C GLY A 167 -7.81 6.23 -1.18
N HIS A 168 -7.03 6.80 -0.28
CA HIS A 168 -7.35 6.89 1.13
C HIS A 168 -6.81 8.21 1.67
N LEU A 169 -7.18 8.54 2.90
CA LEU A 169 -6.64 9.75 3.50
C LEU A 169 -5.16 9.59 3.78
N VAL A 170 -4.42 10.68 3.55
CA VAL A 170 -3.01 10.77 3.86
C VAL A 170 -2.84 12.07 4.61
N GLU A 171 -2.30 12.01 5.79
CA GLU A 171 -2.21 13.23 6.59
C GLU A 171 -0.84 13.45 7.15
N THR A 172 0.16 12.71 6.68
CA THR A 172 1.49 12.77 7.24
C THR A 172 2.53 12.73 6.13
N SER A 173 3.73 13.17 6.47
CA SER A 173 4.84 13.29 5.55
C SER A 173 5.87 12.21 5.80
N CYS A 174 6.54 11.81 4.74
CA CYS A 174 7.74 11.00 4.81
C CYS A 174 8.95 11.90 4.54
N THR A 175 9.69 12.25 5.60
CA THR A 175 10.79 13.19 5.52
C THR A 175 12.14 12.50 5.59
N ILE A 176 13.09 13.00 4.80
CA ILE A 176 14.45 12.49 4.72
C ILE A 176 15.35 13.70 4.90
N MET A 177 16.26 13.65 5.86
CA MET A 177 17.14 14.79 6.10
C MET A 177 18.58 14.31 6.05
N ASP A 178 19.31 14.77 5.04
CA ASP A 178 20.65 14.29 4.73
C ASP A 178 21.69 15.11 5.47
N LEU A 179 22.49 14.44 6.28
CA LEU A 179 23.48 15.12 7.09
C LEU A 179 24.86 15.05 6.47
N LYS A 180 24.99 14.44 5.31
CA LYS A 180 26.27 14.36 4.60
C LYS A 180 27.03 15.67 4.70
N GLY A 181 28.19 15.63 5.32
CA GLY A 181 29.09 16.76 5.33
C GLY A 181 28.84 17.77 6.42
N ILE A 182 27.96 17.49 7.35
CA ILE A 182 27.83 18.40 8.48
C ILE A 182 29.00 18.17 9.43
N SER A 183 29.28 19.21 10.20
CA SER A 183 30.25 19.16 11.27
C SER A 183 29.45 19.07 12.55
N ILE A 184 29.69 18.02 13.33
CA ILE A 184 28.85 17.75 14.50
C ILE A 184 28.83 18.94 15.44
N SER A 185 29.98 19.61 15.59
CA SER A 185 30.09 20.82 16.40
C SER A 185 29.09 21.90 16.04
N SER A 186 28.39 21.74 14.91
CA SER A 186 27.43 22.72 14.45
C SER A 186 26.13 22.65 15.21
N ALA A 187 25.81 21.52 15.81
CA ALA A 187 24.49 21.34 16.42
C ALA A 187 24.22 22.37 17.51
N TYR A 188 25.24 22.73 18.31
CA TYR A 188 25.04 23.73 19.35
C TYR A 188 24.35 24.96 18.78
N SER A 189 24.71 25.30 17.53
CA SER A 189 24.30 26.53 16.91
C SER A 189 22.84 26.56 16.51
N VAL A 190 22.17 25.41 16.43
CA VAL A 190 20.83 25.45 15.89
C VAL A 190 19.76 25.05 16.89
N MET A 191 20.12 24.84 18.18
CA MET A 191 19.09 24.34 19.09
C MET A 191 17.91 25.29 19.14
N SER A 192 18.17 26.59 19.29
CA SER A 192 17.09 27.56 19.30
C SER A 192 16.14 27.30 18.15
N TYR A 193 16.68 27.24 16.93
CA TYR A 193 15.83 27.04 15.76
C TYR A 193 15.05 25.74 15.89
N VAL A 194 15.75 24.64 16.21
CA VAL A 194 15.06 23.36 16.36
C VAL A 194 14.00 23.45 17.45
N ARG A 195 14.34 24.10 18.57
CA ARG A 195 13.35 24.26 19.63
C ARG A 195 12.10 24.94 19.11
N GLU A 196 12.26 25.96 18.27
CA GLU A 196 11.09 26.64 17.76
CA GLU A 196 11.08 26.64 17.77
C GLU A 196 10.37 25.78 16.73
N ALA A 197 11.13 25.14 15.83
CA ALA A 197 10.51 24.36 14.76
C ALA A 197 9.70 23.21 15.33
N SER A 198 10.34 22.41 16.18
CA SER A 198 9.64 21.36 16.89
C SER A 198 8.47 21.89 17.71
N TYR A 199 8.62 23.06 18.37
CA TYR A 199 7.51 23.60 19.13
C TYR A 199 6.32 23.84 18.21
N ILE A 200 6.59 24.29 16.98
CA ILE A 200 5.52 24.52 16.03
C ILE A 200 4.93 23.21 15.58
N SER A 201 5.79 22.25 15.27
CA SER A 201 5.29 21.00 14.71
C SER A 201 4.44 20.25 15.73
N GLN A 202 4.83 20.30 17.00
CA GLN A 202 4.16 19.48 17.99
C GLN A 202 2.85 20.11 18.47
N ASN A 203 2.84 21.40 18.75
CA ASN A 203 1.66 22.01 19.32
C ASN A 203 0.64 22.44 18.28
N TYR A 204 1.09 22.74 17.06
CA TYR A 204 0.24 23.36 16.07
C TYR A 204 -0.02 22.48 14.87
N TYR A 205 0.85 21.51 14.62
CA TYR A 205 0.64 20.53 13.56
C TYR A 205 0.77 19.12 14.13
N PRO A 206 0.00 18.78 15.18
CA PRO A 206 0.16 17.48 15.82
C PRO A 206 -0.21 16.35 14.87
N GLU A 207 0.54 15.25 14.98
CA GLU A 207 0.25 14.02 14.24
C GLU A 207 0.43 14.18 12.74
N ARG A 208 1.27 15.14 12.33
CA ARG A 208 1.58 15.32 10.92
C ARG A 208 2.89 14.67 10.50
N MET A 209 3.70 14.19 11.44
CA MET A 209 4.87 13.43 11.06
C MET A 209 4.47 12.01 10.70
N GLY A 210 5.21 11.40 9.78
CA GLY A 210 4.92 10.04 9.43
C GLY A 210 6.15 9.21 9.70
N LYS A 211 7.18 9.39 8.86
CA LYS A 211 8.52 8.88 9.12
C LYS A 211 9.51 10.00 8.87
N PHE A 212 10.57 10.01 9.66
CA PHE A 212 11.58 11.07 9.66
C PHE A 212 12.95 10.40 9.67
N TYR A 213 13.51 10.17 8.50
CA TYR A 213 14.82 9.56 8.41
C TYR A 213 15.92 10.59 8.57
N ILE A 214 17.03 10.17 9.13
CA ILE A 214 18.22 10.98 9.22
C ILE A 214 19.33 10.11 8.67
N ILE A 215 19.84 10.47 7.50
CA ILE A 215 20.75 9.63 6.76
C ILE A 215 22.10 10.33 6.69
N ASN A 216 23.12 9.58 6.33
CA ASN A 216 24.47 10.12 6.23
C ASN A 216 24.89 10.76 7.54
N ALA A 217 24.34 10.30 8.66
CA ALA A 217 24.70 10.86 9.93
C ALA A 217 26.18 10.58 10.20
N PRO A 218 26.92 11.56 10.70
CA PRO A 218 28.33 11.36 11.03
C PRO A 218 28.46 10.77 12.44
N PHE A 219 29.66 10.31 12.76
CA PHE A 219 29.84 9.67 14.06
C PHE A 219 29.60 10.65 15.20
N GLY A 220 29.17 10.12 16.33
CA GLY A 220 28.86 10.95 17.46
C GLY A 220 27.63 11.80 17.26
N PHE A 221 26.88 11.56 16.19
CA PHE A 221 25.67 12.34 15.97
C PHE A 221 24.59 11.91 16.93
N SER A 222 24.48 10.62 17.21
CA SER A 222 23.55 10.20 18.24
C SER A 222 23.82 10.95 19.54
N THR A 223 25.09 11.26 19.80
CA THR A 223 25.44 12.11 20.94
C THR A 223 24.92 13.52 20.76
N ALA A 224 25.07 14.06 19.56
CA ALA A 224 24.66 15.44 19.33
C ALA A 224 23.16 15.59 19.50
N PHE A 225 22.40 14.73 18.84
CA PHE A 225 20.95 14.75 18.88
C PHE A 225 20.40 14.81 20.30
N ARG A 226 21.20 14.41 21.29
CA ARG A 226 20.80 14.55 22.68
C ARG A 226 20.50 16.00 23.03
N LEU A 227 21.22 16.94 22.42
CA LEU A 227 20.98 18.35 22.71
C LEU A 227 19.58 18.76 22.28
N PHE A 228 19.03 18.08 21.28
CA PHE A 228 17.69 18.36 20.75
C PHE A 228 16.60 17.58 21.46
N LYS A 229 16.92 16.41 22.01
CA LYS A 229 15.90 15.55 22.64
C LYS A 229 15.03 16.25 23.68
N PRO A 230 15.53 17.12 24.56
CA PRO A 230 14.65 17.82 25.50
C PRO A 230 13.64 18.74 24.85
N PHE A 231 13.63 18.88 23.52
CA PHE A 231 12.60 19.64 22.83
C PHE A 231 11.49 18.75 22.31
N LEU A 232 11.74 17.46 22.18
CA LEU A 232 10.94 16.59 21.34
C LEU A 232 10.01 15.74 22.19
N ASP A 233 8.72 15.75 21.83
CA ASP A 233 7.70 14.82 22.31
CA ASP A 233 7.80 14.84 22.46
C ASP A 233 8.24 13.39 22.19
N PRO A 234 7.80 12.46 23.01
CA PRO A 234 8.21 11.07 22.79
C PRO A 234 7.65 10.47 21.51
N VAL A 235 6.41 10.83 21.14
CA VAL A 235 5.81 10.41 19.87
C VAL A 235 6.64 10.91 18.72
N THR A 236 7.19 12.11 18.83
CA THR A 236 8.10 12.61 17.81
C THR A 236 9.34 11.75 17.70
N VAL A 237 9.97 11.42 18.84
CA VAL A 237 11.24 10.69 18.81
C VAL A 237 11.03 9.27 18.29
N SER A 238 9.85 8.70 18.55
CA SER A 238 9.57 7.36 18.07
C SER A 238 9.47 7.28 16.56
N LYS A 239 9.27 8.44 15.88
CA LYS A 239 9.21 8.50 14.43
C LYS A 239 10.56 8.64 13.77
N ILE A 240 11.59 9.07 14.50
CA ILE A 240 12.88 9.49 13.93
C ILE A 240 13.84 8.32 13.87
N PHE A 241 14.46 8.12 12.72
CA PHE A 241 15.24 6.93 12.43
C PHE A 241 16.62 7.37 11.96
N ILE A 242 17.65 7.24 12.81
CA ILE A 242 18.99 7.77 12.49
C ILE A 242 19.83 6.70 11.80
N LEU A 243 20.41 7.06 10.66
CA LEU A 243 21.14 6.13 9.83
C LEU A 243 22.47 6.73 9.39
N GLY A 244 23.43 5.87 9.11
CA GLY A 244 24.69 6.27 8.53
C GLY A 244 24.61 6.27 7.02
N SER A 245 25.73 5.93 6.38
CA SER A 245 25.78 5.92 4.94
C SER A 245 25.19 4.66 4.33
N SER A 246 24.68 3.75 5.15
CA SER A 246 24.03 2.52 4.68
C SER A 246 22.52 2.67 4.69
N TYR A 247 22.04 3.83 4.27
CA TYR A 247 20.62 4.18 4.37
C TYR A 247 19.76 3.61 3.25
N GLN A 248 20.37 3.09 2.19
CA GLN A 248 19.62 2.84 0.96
C GLN A 248 18.58 1.75 1.16
N LYS A 249 19.00 0.57 1.63
CA LYS A 249 18.07 -0.55 1.83
C LYS A 249 16.89 -0.11 2.69
N GLU A 250 17.18 0.66 3.74
CA GLU A 250 16.15 1.17 4.62
C GLU A 250 15.19 2.12 3.91
N LEU A 251 15.71 3.00 3.06
CA LEU A 251 14.85 3.92 2.33
C LEU A 251 13.99 3.18 1.30
N LEU A 252 14.52 2.14 0.68
CA LEU A 252 13.75 1.43 -0.33
C LEU A 252 12.70 0.53 0.30
N LYS A 253 12.88 0.17 1.58
CA LYS A 253 11.78 -0.46 2.31
C LYS A 253 10.56 0.44 2.33
N GLN A 254 10.76 1.75 2.43
CA GLN A 254 9.69 2.72 2.61
C GLN A 254 9.24 3.41 1.32
N ILE A 255 10.14 3.60 0.35
CA ILE A 255 9.82 4.28 -0.91
C ILE A 255 10.18 3.39 -2.09
N PRO A 256 9.30 3.22 -3.06
CA PRO A 256 9.67 2.46 -4.26
C PRO A 256 10.85 3.08 -4.99
N ALA A 257 11.66 2.22 -5.62
CA ALA A 257 12.85 2.68 -6.32
C ALA A 257 12.49 3.69 -7.40
N GLU A 258 11.38 3.47 -8.09
CA GLU A 258 10.96 4.40 -9.12
C GLU A 258 10.64 5.76 -8.53
N ASN A 259 10.24 5.81 -7.27
CA ASN A 259 9.89 7.06 -6.62
C ASN A 259 11.04 7.65 -5.82
N LEU A 260 12.17 6.96 -5.76
CA LEU A 260 13.25 7.41 -4.90
C LEU A 260 14.39 7.98 -5.75
N PRO A 261 14.78 9.26 -5.54
CA PRO A 261 15.84 9.84 -6.36
C PRO A 261 17.09 8.99 -6.41
N VAL A 262 17.76 9.07 -7.56
CA VAL A 262 18.95 8.27 -7.83
C VAL A 262 20.06 8.60 -6.86
N LYS A 263 20.19 9.86 -6.42
CA LYS A 263 21.26 10.17 -5.47
C LYS A 263 21.06 9.48 -4.13
N PHE A 264 19.85 9.01 -3.84
CA PHE A 264 19.53 8.32 -2.59
C PHE A 264 19.29 6.84 -2.77
N GLY A 265 19.81 6.25 -3.86
CA GLY A 265 19.78 4.81 -4.05
C GLY A 265 18.61 4.28 -4.87
N GLY A 266 17.65 5.11 -5.21
CA GLY A 266 16.52 4.68 -6.01
C GLY A 266 16.77 4.86 -7.49
N LYS A 267 15.68 5.01 -8.25
CA LYS A 267 15.78 5.04 -9.69
C LYS A 267 15.15 6.29 -10.30
N SER A 268 14.67 7.23 -9.51
CA SER A 268 13.95 8.37 -10.02
C SER A 268 14.91 9.49 -10.43
N GLU A 269 14.56 10.21 -11.49
CA GLU A 269 15.40 11.26 -12.03
C GLU A 269 14.57 12.47 -12.42
N VAL A 270 15.22 13.63 -12.42
CA VAL A 270 14.61 14.84 -12.93
C VAL A 270 15.54 15.42 -13.97
N ASP A 271 14.98 15.90 -15.07
CA ASP A 271 15.79 16.45 -16.14
C ASP A 271 16.28 17.85 -15.79
N GLU A 272 17.34 18.28 -16.49
CA GLU A 272 17.79 19.67 -16.44
C GLU A 272 16.66 20.63 -16.77
N SER A 273 15.91 20.31 -17.81
CA SER A 273 14.78 21.12 -18.24
C SER A 273 13.87 21.50 -17.08
N LYS A 274 13.36 20.50 -16.38
CA LYS A 274 12.38 20.71 -15.31
C LYS A 274 12.99 21.30 -14.04
N GLY A 275 14.27 21.63 -14.03
CA GLY A 275 14.89 22.18 -12.85
C GLY A 275 15.67 21.20 -12.01
N GLY A 276 15.88 19.97 -12.50
CA GLY A 276 16.60 18.98 -11.75
C GLY A 276 15.85 18.63 -10.48
N LEU A 277 16.53 17.89 -9.61
CA LEU A 277 15.87 17.39 -8.42
C LEU A 277 15.41 18.55 -7.53
N TYR A 278 16.31 19.50 -7.24
CA TYR A 278 15.99 20.55 -6.27
C TYR A 278 14.79 21.38 -6.73
N LEU A 279 14.82 21.88 -7.96
CA LEU A 279 13.92 22.96 -8.34
C LEU A 279 12.58 22.46 -8.84
N SER A 280 12.48 21.20 -9.22
CA SER A 280 11.18 20.66 -9.55
C SER A 280 10.39 20.39 -8.28
N ASP A 281 9.19 19.87 -8.46
CA ASP A 281 8.34 19.57 -7.34
C ASP A 281 7.40 18.46 -7.80
N ILE A 282 7.99 17.36 -8.27
CA ILE A 282 7.25 16.29 -8.93
C ILE A 282 6.42 15.54 -7.90
N GLY A 283 5.18 15.22 -8.27
CA GLY A 283 4.31 14.46 -7.40
C GLY A 283 2.87 14.59 -7.82
N PRO A 284 1.99 13.77 -7.24
CA PRO A 284 0.58 13.81 -7.62
C PRO A 284 -0.06 15.17 -7.44
N TRP A 285 0.51 16.05 -6.64
CA TRP A 285 0.00 17.41 -6.52
C TRP A 285 0.31 18.25 -7.75
N ARG A 286 1.02 17.69 -8.73
CA ARG A 286 1.25 18.29 -10.03
C ARG A 286 0.43 17.64 -11.12
N ASP A 287 -0.16 16.48 -10.87
CA ASP A 287 -0.90 15.69 -11.85
C ASP A 287 -2.32 16.24 -11.98
N PRO A 288 -2.78 16.52 -13.19
CA PRO A 288 -4.17 16.99 -13.34
C PRO A 288 -5.21 15.94 -12.96
N LYS A 289 -4.86 14.66 -12.98
CA LYS A 289 -5.80 13.65 -12.53
C LYS A 289 -6.16 13.85 -11.07
N TYR A 290 -5.23 14.40 -10.28
CA TYR A 290 -5.31 14.39 -8.84
C TYR A 290 -5.42 15.76 -8.21
N ILE A 291 -5.25 16.85 -8.97
CA ILE A 291 -5.50 18.18 -8.47
C ILE A 291 -6.99 18.46 -8.51
N GLY A 292 -7.50 19.11 -7.49
CA GLY A 292 -8.91 19.38 -7.41
C GLY A 292 -9.13 20.84 -7.09
N PRO A 293 -10.26 21.14 -6.43
CA PRO A 293 -10.65 22.53 -6.20
C PRO A 293 -9.60 23.40 -5.54
N GLU A 294 -8.49 22.81 -5.08
CA GLU A 294 -7.47 23.60 -4.41
C GLU A 294 -6.45 24.16 -5.40
N GLY A 295 -6.34 23.56 -6.57
CA GLY A 295 -5.41 24.01 -7.58
C GLY A 295 -4.01 23.50 -7.31
N GLU A 296 -3.13 23.79 -8.25
CA GLU A 296 -1.75 23.38 -8.11
C GLU A 296 -1.05 24.18 -7.02
N ALA A 297 -0.12 23.51 -6.36
CA ALA A 297 0.64 24.15 -5.31
C ALA A 297 1.41 25.34 -5.87
N PRO A 298 1.63 26.37 -5.08
CA PRO A 298 2.56 27.42 -5.49
C PRO A 298 3.95 26.85 -5.74
N GLU A 299 4.60 27.32 -6.80
CA GLU A 299 5.80 26.67 -7.31
C GLU A 299 6.79 27.70 -7.82
N ALA A 300 8.00 27.71 -7.23
CA ALA A 300 9.10 28.58 -7.67
C ALA A 300 10.35 28.27 -6.86
N SER B 12 -20.82 -7.83 3.56
CA SER B 12 -20.42 -6.71 2.71
C SER B 12 -18.91 -6.43 2.86
N TYR B 13 -18.32 -5.83 1.83
CA TYR B 13 -16.90 -5.49 1.84
C TYR B 13 -16.63 -4.54 0.66
N PRO B 14 -15.50 -3.83 0.68
CA PRO B 14 -15.28 -2.74 -0.30
C PRO B 14 -15.28 -3.22 -1.75
N GLN B 15 -16.03 -2.50 -2.60
CA GLN B 15 -16.11 -2.83 -4.02
C GLN B 15 -15.38 -1.83 -4.91
N ASN B 16 -14.88 -0.73 -4.35
CA ASN B 16 -14.20 0.28 -5.13
C ASN B 16 -12.79 -0.15 -5.45
N CME B 17 -12.36 0.10 -6.68
CA CME B 17 -11.01 -0.20 -7.09
CB CME B 17 -10.97 -0.46 -8.59
SG CME B 17 -11.62 -2.06 -9.00
SD CME B 17 -10.17 -3.45 -8.78
CE CME B 17 -8.77 -4.45 -9.31
CZ CME B 17 -7.64 -4.28 -8.29
OH CME B 17 -6.71 -3.32 -8.74
C CME B 17 -10.10 0.96 -6.71
O CME B 17 -10.56 2.08 -6.48
N PRO B 18 -8.80 0.73 -6.63
CA PRO B 18 -7.89 1.82 -6.33
C PRO B 18 -7.89 2.83 -7.47
N PRO B 19 -7.40 4.05 -7.24
CA PRO B 19 -7.35 5.01 -8.36
C PRO B 19 -6.36 4.62 -9.43
N ASP B 20 -5.31 3.89 -9.07
CA ASP B 20 -4.31 3.38 -10.00
C ASP B 20 -4.79 2.14 -10.76
N ALA B 21 -6.10 1.87 -10.76
CA ALA B 21 -6.65 0.72 -11.45
C ALA B 21 -6.48 0.84 -12.97
N LEU B 22 -6.51 -0.32 -13.64
CA LEU B 22 -6.35 -0.54 -15.07
C LEU B 22 -7.70 -0.35 -15.77
N PRO B 23 -7.69 0.10 -17.02
CA PRO B 23 -8.95 0.29 -17.75
C PRO B 23 -9.78 -0.98 -17.81
N GLY B 24 -11.08 -0.81 -17.69
CA GLY B 24 -11.98 -1.94 -17.71
C GLY B 24 -12.38 -2.46 -16.35
N THR B 25 -11.82 -1.91 -15.25
CA THR B 25 -12.15 -2.32 -13.90
C THR B 25 -13.23 -1.41 -13.32
N PRO B 26 -13.95 -1.87 -12.29
CA PRO B 26 -15.04 -1.06 -11.75
C PRO B 26 -14.60 0.35 -11.39
N GLY B 27 -15.41 1.31 -11.82
CA GLY B 27 -15.13 2.71 -11.60
C GLY B 27 -14.09 3.29 -12.52
N ASN B 28 -13.63 2.51 -13.50
CA ASN B 28 -12.71 2.98 -14.52
C ASN B 28 -13.18 2.54 -15.88
N LEU B 29 -14.47 2.73 -16.13
CA LEU B 29 -15.08 2.44 -17.41
C LEU B 29 -15.35 3.74 -18.15
N ASP B 30 -15.24 3.70 -19.48
CA ASP B 30 -15.78 4.80 -20.25
C ASP B 30 -17.25 4.51 -20.51
N SER B 31 -17.94 5.42 -21.20
CA SER B 31 -19.38 5.31 -21.29
C SER B 31 -19.79 4.12 -22.15
N ALA B 32 -18.92 3.74 -23.10
CA ALA B 32 -19.21 2.56 -23.93
C ALA B 32 -19.03 1.28 -23.14
N GLN B 33 -18.00 1.22 -22.30
CA GLN B 33 -17.83 0.10 -21.38
C GLN B 33 -18.95 0.05 -20.36
N GLU B 34 -19.37 1.22 -19.86
CA GLU B 34 -20.50 1.30 -18.95
C GLU B 34 -21.76 0.71 -19.58
N LYS B 35 -22.01 1.02 -20.83
CA LYS B 35 -23.22 0.47 -21.42
C LYS B 35 -23.05 -0.98 -21.81
N ALA B 36 -21.83 -1.44 -22.08
CA ALA B 36 -21.61 -2.86 -22.29
C ALA B 36 -21.92 -3.64 -21.03
N LEU B 37 -21.43 -3.14 -19.90
CA LEU B 37 -21.78 -3.71 -18.61
C LEU B 37 -23.29 -3.78 -18.43
N ALA B 38 -23.96 -2.65 -18.61
CA ALA B 38 -25.40 -2.64 -18.35
C ALA B 38 -26.14 -3.60 -19.29
N GLU B 39 -25.69 -3.68 -20.54
CA GLU B 39 -26.37 -4.55 -21.50
C GLU B 39 -26.13 -6.01 -21.18
N LEU B 40 -24.89 -6.36 -20.85
CA LEU B 40 -24.58 -7.71 -20.44
C LEU B 40 -25.49 -8.14 -19.28
N ARG B 41 -25.53 -7.32 -18.23
CA ARG B 41 -26.34 -7.66 -17.06
C ARG B 41 -27.82 -7.79 -17.43
N LYS B 42 -28.32 -6.92 -18.30
CA LYS B 42 -29.71 -7.01 -18.72
C LYS B 42 -29.98 -8.30 -19.49
N LEU B 43 -29.09 -8.67 -20.41
CA LEU B 43 -29.27 -9.90 -21.18
C LEU B 43 -29.26 -11.11 -20.27
N LEU B 44 -28.40 -11.09 -19.26
CA LEU B 44 -28.31 -12.21 -18.33
C LEU B 44 -29.56 -12.30 -17.45
N GLU B 45 -29.94 -11.21 -16.80
CA GLU B 45 -31.18 -11.19 -16.05
C GLU B 45 -32.33 -11.74 -16.87
N ASP B 46 -32.37 -11.39 -18.17
CA ASP B 46 -33.41 -11.95 -19.02
C ASP B 46 -33.25 -13.45 -19.20
N ALA B 47 -32.02 -13.96 -19.20
CA ALA B 47 -31.82 -15.40 -19.32
C ALA B 47 -32.13 -16.17 -18.03
N GLY B 48 -32.43 -15.49 -16.92
CA GLY B 48 -32.78 -16.13 -15.67
C GLY B 48 -31.82 -15.83 -14.53
N PHE B 49 -30.57 -15.56 -14.85
CA PHE B 49 -29.51 -15.53 -13.84
C PHE B 49 -29.76 -14.46 -12.78
N ILE B 50 -29.34 -14.75 -11.55
CA ILE B 50 -29.40 -13.79 -10.46
C ILE B 50 -28.05 -13.70 -9.75
N GLU B 51 -27.27 -14.78 -9.78
CA GLU B 51 -26.02 -14.78 -9.03
C GLU B 51 -24.85 -14.32 -9.88
N ARG B 52 -23.90 -13.66 -9.25
CA ARG B 52 -22.65 -13.29 -9.88
C ARG B 52 -22.86 -12.26 -11.01
N LEU B 53 -23.94 -11.49 -10.88
CA LEU B 53 -24.24 -10.35 -11.73
C LEU B 53 -23.70 -9.05 -11.16
N ASP B 54 -22.75 -9.11 -10.24
CA ASP B 54 -22.17 -7.89 -9.71
C ASP B 54 -21.21 -7.28 -10.71
N ASP B 55 -20.87 -6.01 -10.49
CA ASP B 55 -20.00 -5.29 -11.42
C ASP B 55 -18.66 -5.98 -11.59
N SER B 56 -18.03 -6.39 -10.49
CA SER B 56 -16.69 -6.94 -10.60
C SER B 56 -16.68 -8.22 -11.44
N THR B 57 -17.70 -9.06 -11.29
CA THR B 57 -17.73 -10.33 -12.00
C THR B 57 -18.02 -10.12 -13.47
N LEU B 58 -19.07 -9.36 -13.76
CA LEU B 58 -19.41 -9.07 -15.14
C LEU B 58 -18.24 -8.40 -15.87
N LEU B 59 -17.52 -7.51 -15.19
CA LEU B 59 -16.40 -6.84 -15.84
C LEU B 59 -15.21 -7.77 -16.02
N ARG B 60 -14.97 -8.71 -15.11
CA ARG B 60 -13.95 -9.72 -15.39
C ARG B 60 -14.28 -10.48 -16.66
N PHE B 61 -15.56 -10.85 -16.84
CA PHE B 61 -15.94 -11.59 -18.05
C PHE B 61 -15.86 -10.71 -19.31
N LEU B 62 -16.20 -9.42 -19.17
CA LEU B 62 -16.07 -8.48 -20.28
C LEU B 62 -14.61 -8.32 -20.69
N ARG B 63 -13.74 -7.99 -19.75
CA ARG B 63 -12.31 -7.91 -20.04
C ARG B 63 -11.80 -9.17 -20.71
N ALA B 64 -12.24 -10.34 -20.24
CA ALA B 64 -11.78 -11.58 -20.86
C ALA B 64 -12.23 -11.71 -22.30
N ARG B 65 -13.39 -11.14 -22.66
CA ARG B 65 -13.82 -11.14 -24.05
C ARG B 65 -13.78 -9.75 -24.68
N LYS B 66 -12.84 -8.91 -24.22
CA LYS B 66 -12.49 -7.66 -24.89
C LYS B 66 -13.71 -6.75 -25.03
N PHE B 67 -14.58 -6.79 -24.02
CA PHE B 67 -15.82 -6.02 -23.97
C PHE B 67 -16.77 -6.33 -25.11
N ASP B 68 -16.63 -7.49 -25.75
CA ASP B 68 -17.66 -8.02 -26.63
C ASP B 68 -18.79 -8.58 -25.77
N VAL B 69 -19.98 -8.01 -25.89
CA VAL B 69 -21.04 -8.38 -24.95
C VAL B 69 -21.54 -9.81 -25.21
N GLN B 70 -21.67 -10.22 -26.47
CA GLN B 70 -22.14 -11.59 -26.71
C GLN B 70 -21.11 -12.66 -26.41
N LEU B 71 -19.83 -12.39 -26.63
CA LEU B 71 -18.81 -13.37 -26.27
C LEU B 71 -18.70 -13.49 -24.75
N ALA B 72 -18.79 -12.37 -24.05
CA ALA B 72 -18.79 -12.41 -22.60
C ALA B 72 -20.03 -13.12 -22.07
N LYS B 73 -21.18 -12.88 -22.68
CA LYS B 73 -22.39 -13.57 -22.27
C LYS B 73 -22.27 -15.07 -22.50
N GLU B 74 -21.65 -15.50 -23.60
CA GLU B 74 -21.42 -16.93 -23.80
C GLU B 74 -20.46 -17.50 -22.77
N MET B 75 -19.38 -16.78 -22.49
CA MET B 75 -18.38 -17.27 -21.55
C MET B 75 -18.98 -17.42 -20.16
N PHE B 76 -19.73 -16.40 -19.74
CA PHE B 76 -20.44 -16.46 -18.48
C PHE B 76 -21.42 -17.63 -18.46
N GLU B 77 -22.11 -17.88 -19.57
CA GLU B 77 -23.12 -18.93 -19.54
C GLU B 77 -22.49 -20.31 -19.51
N ASN B 78 -21.45 -20.53 -20.31
CA ASN B 78 -20.70 -21.77 -20.22
C ASN B 78 -20.16 -21.96 -18.81
N CYS B 79 -19.81 -20.87 -18.12
CA CYS B 79 -19.29 -21.01 -16.77
C CYS B 79 -20.37 -21.41 -15.78
N GLU B 80 -21.57 -20.82 -15.89
CA GLU B 80 -22.64 -21.17 -14.97
C GLU B 80 -23.12 -22.59 -15.23
N LYS B 81 -23.11 -23.00 -16.49
CA LYS B 81 -23.39 -24.39 -16.85
C LYS B 81 -22.37 -25.35 -16.22
N TRP B 82 -21.09 -24.98 -16.22
CA TRP B 82 -20.08 -25.82 -15.57
C TRP B 82 -20.29 -25.86 -14.06
N ARG B 83 -20.52 -24.69 -13.45
CA ARG B 83 -20.79 -24.64 -12.02
C ARG B 83 -21.94 -25.55 -11.64
N LYS B 84 -22.94 -25.64 -12.50
CA LYS B 84 -24.07 -26.49 -12.20
C LYS B 84 -23.71 -27.97 -12.37
N ASP B 85 -23.00 -28.30 -13.45
CA ASP B 85 -22.67 -29.69 -13.77
C ASP B 85 -21.68 -30.29 -12.77
N TYR B 86 -20.76 -29.48 -12.27
CA TYR B 86 -19.67 -29.85 -11.37
C TYR B 86 -20.03 -29.67 -9.90
N GLY B 87 -21.21 -29.17 -9.59
CA GLY B 87 -21.54 -28.90 -8.21
C GLY B 87 -20.59 -27.94 -7.53
N THR B 88 -20.12 -26.94 -8.27
CA THR B 88 -19.21 -25.95 -7.70
C THR B 88 -19.89 -25.10 -6.63
N ASP B 89 -21.19 -24.88 -6.73
CA ASP B 89 -21.83 -23.99 -5.77
C ASP B 89 -21.78 -24.55 -4.35
N THR B 90 -21.60 -25.86 -4.20
CA THR B 90 -21.55 -26.49 -2.89
C THR B 90 -20.21 -27.10 -2.55
N ILE B 91 -19.31 -27.26 -3.52
CA ILE B 91 -18.02 -27.94 -3.37
C ILE B 91 -17.32 -27.61 -2.07
N LEU B 92 -17.55 -26.41 -1.54
CA LEU B 92 -16.88 -26.01 -0.30
C LEU B 92 -17.30 -26.88 0.86
N GLN B 93 -18.51 -27.42 0.79
CA GLN B 93 -19.08 -28.21 1.85
C GLN B 93 -19.41 -29.63 1.42
N ASP B 94 -19.34 -29.93 0.13
CA ASP B 94 -19.56 -31.27 -0.38
C ASP B 94 -18.27 -32.01 -0.73
N PHE B 95 -17.12 -31.35 -0.65
CA PHE B 95 -15.87 -32.00 -0.98
C PHE B 95 -14.95 -31.92 0.23
N HIS B 96 -14.24 -33.02 0.49
CA HIS B 96 -13.35 -33.15 1.66
C HIS B 96 -12.02 -33.70 1.16
N TYR B 97 -11.02 -32.83 1.01
CA TYR B 97 -9.70 -33.26 0.57
C TYR B 97 -8.99 -33.87 1.77
N ASP B 98 -9.35 -35.10 2.04
CA ASP B 98 -8.84 -35.71 3.26
C ASP B 98 -7.47 -36.30 3.06
N GLU B 99 -7.05 -36.50 1.82
CA GLU B 99 -5.67 -36.89 1.56
C GLU B 99 -4.72 -35.71 1.66
N LYS B 100 -5.22 -34.54 2.06
CA LYS B 100 -4.39 -33.33 2.08
C LYS B 100 -3.14 -33.45 2.92
N PRO B 101 -3.19 -33.92 4.16
CA PRO B 101 -1.94 -34.03 4.93
C PRO B 101 -0.92 -34.96 4.28
N LEU B 102 -1.34 -35.88 3.43
CA LEU B 102 -0.39 -36.74 2.76
C LEU B 102 0.22 -36.05 1.57
N ILE B 103 -0.65 -35.51 0.69
CA ILE B 103 -0.23 -34.75 -0.48
C ILE B 103 0.72 -33.62 -0.10
N ALA B 104 0.40 -32.89 0.97
CA ALA B 104 1.24 -31.77 1.39
C ALA B 104 2.65 -32.16 1.69
N LYS B 105 2.98 -33.44 1.70
CA LYS B 105 4.36 -33.81 1.98
C LYS B 105 5.18 -33.77 0.71
N PHE B 106 4.52 -33.95 -0.43
CA PHE B 106 5.12 -33.88 -1.75
C PHE B 106 4.97 -32.51 -2.39
N TYR B 107 3.99 -31.73 -1.93
CA TYR B 107 3.40 -30.67 -2.72
C TYR B 107 2.79 -29.65 -1.78
N PRO B 108 3.61 -28.91 -1.06
CA PRO B 108 3.09 -27.86 -0.18
C PRO B 108 2.30 -26.81 -0.96
N GLN B 109 1.19 -26.37 -0.37
CA GLN B 109 0.27 -25.43 -1.00
C GLN B 109 -0.32 -24.57 0.11
N TYR B 110 0.18 -23.35 0.28
CA TYR B 110 -0.27 -22.56 1.43
C TYR B 110 -0.41 -21.09 1.08
N TYR B 111 -0.92 -20.33 2.04
CA TYR B 111 -1.06 -18.90 1.91
C TYR B 111 -0.28 -18.25 3.05
N HIS B 112 0.20 -17.03 2.82
CA HIS B 112 0.77 -16.25 3.90
C HIS B 112 0.61 -14.77 3.63
N LYS B 113 -0.31 -14.14 4.35
CA LYS B 113 -0.44 -12.67 4.41
C LYS B 113 -0.79 -12.14 3.01
N THR B 114 -0.44 -10.89 2.74
CA THR B 114 -0.84 -10.20 1.52
C THR B 114 0.33 -9.42 0.93
N ASP B 115 0.14 -8.91 -0.28
CA ASP B 115 1.15 -8.11 -0.95
C ASP B 115 0.78 -6.64 -0.86
N LYS B 116 1.61 -5.80 -1.50
CA LYS B 116 1.48 -4.36 -1.33
C LYS B 116 0.14 -3.83 -1.83
N ASP B 117 -0.49 -4.52 -2.77
CA ASP B 117 -1.83 -4.17 -3.22
C ASP B 117 -2.92 -4.91 -2.47
N GLY B 118 -2.56 -5.72 -1.48
CA GLY B 118 -3.53 -6.43 -0.68
C GLY B 118 -3.97 -7.76 -1.24
N ARG B 119 -3.30 -8.27 -2.22
CA ARG B 119 -3.64 -9.59 -2.72
C ARG B 119 -3.14 -10.66 -1.76
N PRO B 120 -3.96 -11.66 -1.45
CA PRO B 120 -3.45 -12.84 -0.74
C PRO B 120 -2.28 -13.47 -1.48
N VAL B 121 -1.20 -13.75 -0.74
CA VAL B 121 -0.04 -14.44 -1.29
C VAL B 121 -0.27 -15.94 -1.19
N TYR B 122 -0.32 -16.62 -2.33
CA TYR B 122 -0.42 -18.07 -2.41
C TYR B 122 0.93 -18.64 -2.86
N PHE B 123 1.34 -19.75 -2.24
CA PHE B 123 2.65 -20.36 -2.46
C PHE B 123 2.46 -21.82 -2.83
N GLU B 124 3.27 -22.29 -3.78
CA GLU B 124 3.40 -23.70 -4.12
C GLU B 124 4.88 -24.05 -4.24
N GLU B 125 5.23 -25.26 -3.80
CA GLU B 125 6.60 -25.74 -3.86
C GLU B 125 6.62 -27.05 -4.62
N LEU B 126 7.47 -27.14 -5.64
CA LEU B 126 7.36 -28.20 -6.62
C LEU B 126 8.53 -29.18 -6.60
N GLY B 127 9.58 -28.90 -5.85
CA GLY B 127 10.76 -29.76 -5.87
C GLY B 127 10.55 -31.14 -5.27
N ALA B 128 9.56 -31.29 -4.38
CA ALA B 128 9.28 -32.59 -3.76
C ALA B 128 8.21 -33.38 -4.50
N VAL B 129 7.57 -32.78 -5.51
CA VAL B 129 6.53 -33.47 -6.26
C VAL B 129 7.10 -34.72 -6.89
N ASN B 130 6.42 -35.84 -6.66
CA ASN B 130 6.74 -37.11 -7.30
C ASN B 130 5.43 -37.70 -7.76
N LEU B 131 5.30 -37.94 -9.06
CA LEU B 131 3.99 -38.30 -9.57
C LEU B 131 3.58 -39.71 -9.19
N HIS B 132 4.54 -40.63 -9.07
CA HIS B 132 4.18 -41.99 -8.70
C HIS B 132 3.53 -42.03 -7.31
N GLU B 133 4.17 -41.37 -6.35
CA GLU B 133 3.69 -41.39 -4.97
C GLU B 133 2.32 -40.73 -4.85
N MET B 134 2.12 -39.57 -5.47
CA MET B 134 0.82 -38.94 -5.46
C MET B 134 -0.21 -39.72 -6.26
N ASN B 135 0.22 -40.50 -7.25
CA ASN B 135 -0.68 -41.45 -7.89
C ASN B 135 -1.16 -42.48 -6.88
N LYS B 136 -0.26 -42.92 -6.00
CA LYS B 136 -0.65 -43.86 -4.94
C LYS B 136 -1.68 -43.24 -4.00
N VAL B 137 -1.53 -41.97 -3.64
CA VAL B 137 -2.39 -41.38 -2.62
C VAL B 137 -3.72 -40.81 -3.17
N THR B 138 -3.78 -40.36 -4.43
CA THR B 138 -4.96 -39.62 -4.90
C THR B 138 -5.12 -39.80 -6.41
N SER B 139 -6.19 -39.22 -6.95
CA SER B 139 -6.44 -39.20 -8.38
C SER B 139 -6.29 -37.78 -8.90
N GLU B 140 -6.23 -37.68 -10.23
CA GLU B 140 -6.17 -36.37 -10.87
C GLU B 140 -7.48 -35.62 -10.69
N GLU B 141 -8.60 -36.30 -10.90
CA GLU B 141 -9.92 -35.71 -10.75
C GLU B 141 -10.12 -35.13 -9.37
N ARG B 142 -9.54 -35.75 -8.34
CA ARG B 142 -9.67 -35.23 -6.99
C ARG B 142 -8.74 -34.05 -6.75
N MET B 143 -7.55 -34.05 -7.35
CA MET B 143 -6.72 -32.86 -7.23
C MET B 143 -7.36 -31.66 -7.93
N LEU B 144 -8.07 -31.90 -9.01
CA LEU B 144 -8.75 -30.78 -9.64
C LEU B 144 -9.99 -30.35 -8.86
N LYS B 145 -10.69 -31.30 -8.22
CA LYS B 145 -11.70 -30.90 -7.24
C LYS B 145 -11.09 -30.02 -6.16
N ASN B 146 -9.90 -30.37 -5.67
CA ASN B 146 -9.24 -29.55 -4.67
C ASN B 146 -8.86 -28.18 -5.23
N LEU B 147 -8.48 -28.12 -6.51
CA LEU B 147 -8.14 -26.86 -7.14
C LEU B 147 -9.35 -25.93 -7.20
N VAL B 148 -10.45 -26.42 -7.75
CA VAL B 148 -11.71 -25.68 -7.75
C VAL B 148 -12.09 -25.26 -6.34
N TRP B 149 -11.86 -26.14 -5.36
CA TRP B 149 -12.18 -25.84 -3.97
C TRP B 149 -11.38 -24.64 -3.46
N GLU B 150 -10.07 -24.63 -3.74
CA GLU B 150 -9.25 -23.51 -3.28
C GLU B 150 -9.63 -22.22 -4.01
N TYR B 151 -10.11 -22.33 -5.24
CA TYR B 151 -10.58 -21.13 -5.92
C TYR B 151 -11.80 -20.57 -5.21
N GLU B 152 -12.76 -21.43 -4.89
CA GLU B 152 -13.96 -20.97 -4.18
C GLU B 152 -13.63 -20.46 -2.79
N SER B 153 -12.62 -21.04 -2.15
CA SER B 153 -12.16 -20.55 -0.86
C SER B 153 -11.60 -19.14 -0.98
N VAL B 154 -10.72 -18.91 -1.96
CA VAL B 154 -10.21 -17.58 -2.15
C VAL B 154 -11.33 -16.60 -2.45
N VAL B 155 -12.26 -16.99 -3.30
CA VAL B 155 -13.31 -16.07 -3.73
C VAL B 155 -14.20 -15.69 -2.56
N GLN B 156 -14.64 -16.68 -1.78
CA GLN B 156 -15.68 -16.42 -0.80
C GLN B 156 -15.14 -15.98 0.55
N TYR B 157 -13.93 -16.36 0.92
CA TYR B 157 -13.42 -15.98 2.22
C TYR B 157 -12.20 -15.08 2.15
N ARG B 158 -11.19 -15.45 1.36
CA ARG B 158 -9.94 -14.71 1.42
C ARG B 158 -10.08 -13.32 0.79
N LEU B 159 -10.74 -13.23 -0.36
CA LEU B 159 -10.80 -11.98 -1.08
C LEU B 159 -11.73 -10.95 -0.43
N PRO B 160 -12.87 -11.35 0.12
CA PRO B 160 -13.60 -10.38 0.94
C PRO B 160 -12.81 -9.86 2.12
N ALA B 161 -12.11 -10.73 2.83
CA ALA B 161 -11.40 -10.24 4.00
C ALA B 161 -10.22 -9.39 3.60
N CYS B 162 -9.62 -9.67 2.45
CA CYS B 162 -8.52 -8.83 1.97
C CYS B 162 -9.04 -7.48 1.46
N SER B 163 -10.22 -7.47 0.83
CA SER B 163 -10.84 -6.21 0.47
C SER B 163 -11.12 -5.36 1.70
N ARG B 164 -11.62 -5.98 2.77
CA ARG B 164 -11.88 -5.20 3.97
C ARG B 164 -10.59 -4.70 4.62
N ALA B 165 -9.51 -5.48 4.55
CA ALA B 165 -8.27 -5.01 5.15
C ALA B 165 -7.62 -3.92 4.33
N ALA B 166 -7.69 -4.02 3.01
CA ALA B 166 -7.01 -3.06 2.15
C ALA B 166 -7.75 -1.73 2.10
N GLY B 167 -9.07 -1.75 2.21
CA GLY B 167 -9.88 -0.59 1.98
C GLY B 167 -10.39 -0.46 0.57
N HIS B 168 -10.18 -1.47 -0.27
CA HIS B 168 -10.61 -1.45 -1.66
C HIS B 168 -10.82 -2.87 -2.13
N LEU B 169 -11.69 -3.02 -3.12
CA LEU B 169 -11.89 -4.30 -3.77
C LEU B 169 -10.54 -4.94 -4.11
N VAL B 170 -10.45 -6.23 -3.87
CA VAL B 170 -9.34 -7.05 -4.31
C VAL B 170 -9.93 -8.22 -5.07
N GLU B 171 -9.42 -8.48 -6.25
CA GLU B 171 -10.02 -9.45 -7.15
C GLU B 171 -9.06 -10.57 -7.51
N THR B 172 -7.82 -10.49 -7.08
CA THR B 172 -6.77 -11.25 -7.72
C THR B 172 -5.81 -11.81 -6.68
N SER B 173 -5.11 -12.87 -7.06
CA SER B 173 -4.11 -13.49 -6.21
C SER B 173 -2.71 -13.13 -6.66
N CYS B 174 -1.80 -13.10 -5.67
CA CYS B 174 -0.35 -13.02 -5.86
C CYS B 174 0.28 -14.37 -5.51
N THR B 175 0.66 -15.14 -6.53
CA THR B 175 1.16 -16.50 -6.33
C THR B 175 2.67 -16.57 -6.54
N ILE B 176 3.35 -17.30 -5.65
CA ILE B 176 4.78 -17.60 -5.78
C ILE B 176 4.89 -19.09 -6.01
N MET B 177 5.59 -19.49 -7.06
CA MET B 177 5.77 -20.91 -7.32
C MET B 177 7.26 -21.26 -7.31
N ASP B 178 7.66 -22.07 -6.32
CA ASP B 178 9.05 -22.39 -6.05
C ASP B 178 9.46 -23.67 -6.77
N LEU B 179 10.43 -23.53 -7.66
CA LEU B 179 10.92 -24.63 -8.46
C LEU B 179 12.20 -25.21 -7.93
N LYS B 180 12.69 -24.73 -6.80
CA LYS B 180 13.91 -25.29 -6.26
C LYS B 180 13.78 -26.81 -6.11
N GLY B 181 14.73 -27.53 -6.70
CA GLY B 181 14.78 -28.96 -6.65
C GLY B 181 14.30 -29.69 -7.89
N ILE B 182 13.38 -29.12 -8.66
CA ILE B 182 12.69 -29.88 -9.69
C ILE B 182 13.70 -30.40 -10.71
N SER B 183 13.23 -31.26 -11.61
CA SER B 183 13.96 -31.63 -12.81
C SER B 183 13.15 -31.17 -14.01
N ILE B 184 13.77 -30.34 -14.85
CA ILE B 184 13.21 -29.92 -16.14
C ILE B 184 12.55 -31.11 -16.82
N SER B 185 13.25 -32.23 -16.89
CA SER B 185 12.76 -33.37 -17.63
C SER B 185 11.40 -33.86 -17.12
N SER B 186 11.05 -33.49 -15.88
CA SER B 186 9.77 -33.90 -15.32
C SER B 186 8.61 -33.21 -16.01
N ALA B 187 8.87 -32.03 -16.56
CA ALA B 187 7.80 -31.12 -16.94
C ALA B 187 6.88 -31.73 -17.99
N TYR B 188 7.42 -32.50 -18.94
CA TYR B 188 6.55 -33.14 -19.91
C TYR B 188 5.38 -33.82 -19.21
N SER B 189 5.72 -34.62 -18.20
CA SER B 189 4.73 -35.44 -17.54
C SER B 189 3.53 -34.64 -17.06
N VAL B 190 3.72 -33.37 -16.69
CA VAL B 190 2.62 -32.65 -16.07
C VAL B 190 1.76 -31.88 -17.06
N MET B 191 2.03 -31.94 -18.36
CA MET B 191 1.17 -31.17 -19.27
C MET B 191 -0.29 -31.47 -19.05
N SER B 192 -0.64 -32.75 -18.89
CA SER B 192 -2.05 -33.12 -18.83
C SER B 192 -2.75 -32.40 -17.70
N TYR B 193 -2.05 -32.15 -16.61
CA TYR B 193 -2.67 -31.47 -15.49
C TYR B 193 -2.70 -29.97 -15.74
N VAL B 194 -1.64 -29.42 -16.32
CA VAL B 194 -1.63 -27.99 -16.61
C VAL B 194 -2.71 -27.65 -17.62
N ARG B 195 -2.84 -28.46 -18.67
CA ARG B 195 -3.96 -28.31 -19.60
C ARG B 195 -5.25 -28.10 -18.83
N GLU B 196 -5.48 -28.91 -17.80
CA GLU B 196 -6.72 -28.82 -17.05
C GLU B 196 -6.73 -27.58 -16.18
N ALA B 197 -5.64 -27.38 -15.42
CA ALA B 197 -5.58 -26.26 -14.49
C ALA B 197 -5.82 -24.93 -15.21
N SER B 198 -4.96 -24.63 -16.18
CA SER B 198 -5.11 -23.43 -16.99
C SER B 198 -6.52 -23.29 -17.52
N TYR B 199 -7.08 -24.37 -18.08
CA TYR B 199 -8.43 -24.27 -18.65
C TYR B 199 -9.40 -23.75 -17.60
N ILE B 200 -9.41 -24.39 -16.43
CA ILE B 200 -10.31 -23.96 -15.36
C ILE B 200 -10.09 -22.51 -15.02
N SER B 201 -8.82 -22.13 -14.89
CA SER B 201 -8.51 -20.76 -14.52
C SER B 201 -9.09 -19.78 -15.52
N GLN B 202 -9.05 -20.13 -16.80
CA GLN B 202 -9.31 -19.09 -17.77
C GLN B 202 -10.77 -19.03 -18.15
N ASN B 203 -11.44 -20.16 -18.23
CA ASN B 203 -12.83 -20.16 -18.65
C ASN B 203 -13.79 -19.96 -17.50
N TYR B 204 -13.41 -20.33 -16.28
CA TYR B 204 -14.31 -20.31 -15.13
C TYR B 204 -13.88 -19.36 -14.02
N TYR B 205 -12.60 -18.99 -13.93
CA TYR B 205 -12.16 -17.94 -13.01
C TYR B 205 -11.34 -16.87 -13.74
N PRO B 206 -11.88 -16.29 -14.81
CA PRO B 206 -11.05 -15.41 -15.64
C PRO B 206 -10.72 -14.13 -14.91
N GLU B 207 -9.49 -13.65 -15.13
CA GLU B 207 -8.99 -12.41 -14.57
C GLU B 207 -8.81 -12.48 -13.06
N ARG B 208 -8.81 -13.69 -12.49
CA ARG B 208 -8.54 -13.85 -11.07
C ARG B 208 -7.06 -14.01 -10.78
N MET B 209 -6.25 -14.14 -11.81
CA MET B 209 -4.82 -14.24 -11.65
C MET B 209 -4.26 -12.83 -11.61
N GLY B 210 -3.33 -12.57 -10.68
CA GLY B 210 -2.91 -11.20 -10.53
C GLY B 210 -1.46 -11.06 -10.92
N LYS B 211 -0.56 -11.50 -10.05
CA LYS B 211 0.83 -11.69 -10.39
C LYS B 211 1.16 -13.16 -10.13
N PHE B 212 2.16 -13.68 -10.86
CA PHE B 212 2.45 -15.11 -10.83
C PHE B 212 3.94 -15.28 -11.05
N TYR B 213 4.68 -15.33 -9.95
CA TYR B 213 6.12 -15.52 -9.99
C TYR B 213 6.46 -17.00 -9.96
N ILE B 214 7.40 -17.39 -10.81
CA ILE B 214 8.02 -18.70 -10.76
C ILE B 214 9.46 -18.47 -10.35
N ILE B 215 9.83 -18.90 -9.14
CA ILE B 215 11.13 -18.56 -8.56
C ILE B 215 12.04 -19.77 -8.56
N ASN B 216 13.35 -19.50 -8.41
CA ASN B 216 14.39 -20.53 -8.45
C ASN B 216 14.36 -21.36 -9.72
N ALA B 217 13.89 -20.79 -10.82
CA ALA B 217 13.80 -21.55 -12.04
C ALA B 217 15.20 -21.89 -12.54
N PRO B 218 15.41 -23.12 -13.00
CA PRO B 218 16.74 -23.53 -13.48
C PRO B 218 16.92 -23.16 -14.95
N PHE B 219 18.17 -23.25 -15.40
CA PHE B 219 18.39 -23.04 -16.82
C PHE B 219 17.79 -24.19 -17.62
N GLY B 220 17.33 -23.88 -18.81
CA GLY B 220 16.53 -24.79 -19.58
C GLY B 220 15.06 -24.69 -19.26
N PHE B 221 14.69 -23.96 -18.21
CA PHE B 221 13.30 -23.97 -17.78
C PHE B 221 12.40 -23.26 -18.78
N SER B 222 12.81 -22.08 -19.24
CA SER B 222 11.98 -21.36 -20.20
C SER B 222 11.82 -22.16 -21.47
N THR B 223 12.80 -23.00 -21.79
CA THR B 223 12.62 -23.94 -22.89
C THR B 223 11.47 -24.89 -22.61
N ALA B 224 11.48 -25.54 -21.44
CA ALA B 224 10.44 -26.51 -21.11
C ALA B 224 9.07 -25.85 -20.96
N PHE B 225 9.04 -24.61 -20.47
CA PHE B 225 7.80 -23.87 -20.36
C PHE B 225 7.01 -23.85 -21.66
N ARG B 226 7.68 -23.93 -22.80
CA ARG B 226 6.97 -23.89 -24.08
C ARG B 226 5.97 -25.03 -24.26
N LEU B 227 6.07 -26.09 -23.47
CA LEU B 227 5.11 -27.19 -23.58
C LEU B 227 3.74 -26.79 -23.07
N PHE B 228 3.66 -25.74 -22.25
CA PHE B 228 2.43 -25.32 -21.61
C PHE B 228 1.71 -24.22 -22.34
N LYS B 229 2.46 -23.32 -23.00
CA LYS B 229 1.95 -22.17 -23.74
C LYS B 229 0.81 -22.50 -24.70
N PRO B 230 0.77 -23.70 -25.34
CA PRO B 230 -0.42 -24.05 -26.13
C PRO B 230 -1.71 -23.92 -25.37
N PHE B 231 -1.67 -24.01 -24.05
CA PHE B 231 -2.86 -23.92 -23.22
C PHE B 231 -3.06 -22.52 -22.64
N LEU B 232 -2.12 -21.61 -22.88
CA LEU B 232 -2.03 -20.36 -22.13
C LEU B 232 -2.47 -19.17 -22.99
N ASP B 233 -3.49 -18.47 -22.51
CA ASP B 233 -3.84 -17.15 -23.00
C ASP B 233 -2.61 -16.27 -23.05
N PRO B 234 -2.44 -15.44 -24.09
CA PRO B 234 -1.39 -14.42 -24.03
C PRO B 234 -1.59 -13.43 -22.88
N VAL B 235 -2.82 -13.10 -22.53
CA VAL B 235 -3.09 -12.36 -21.29
C VAL B 235 -2.52 -13.11 -20.09
N THR B 236 -2.73 -14.42 -20.05
CA THR B 236 -2.24 -15.21 -18.94
C THR B 236 -0.71 -15.24 -18.96
N VAL B 237 -0.12 -15.53 -20.11
CA VAL B 237 1.34 -15.56 -20.22
C VAL B 237 1.93 -14.23 -19.77
N SER B 238 1.16 -13.15 -19.92
CA SER B 238 1.65 -11.83 -19.54
C SER B 238 1.97 -11.75 -18.05
N LYS B 239 1.08 -12.30 -17.22
CA LYS B 239 1.15 -12.17 -15.77
C LYS B 239 2.17 -13.10 -15.13
N ILE B 240 2.86 -13.92 -15.93
CA ILE B 240 3.79 -14.92 -15.41
C ILE B 240 5.21 -14.37 -15.52
N PHE B 241 5.84 -14.15 -14.38
CA PHE B 241 7.22 -13.70 -14.32
C PHE B 241 8.12 -14.85 -13.91
N ILE B 242 9.10 -15.18 -14.72
CA ILE B 242 10.01 -16.28 -14.45
C ILE B 242 11.31 -15.73 -13.87
N LEU B 243 11.58 -16.02 -12.61
CA LEU B 243 12.81 -15.63 -11.94
C LEU B 243 13.66 -16.87 -11.67
N GLY B 244 14.92 -16.61 -11.31
CA GLY B 244 15.87 -17.63 -10.94
C GLY B 244 16.21 -17.54 -9.47
N SER B 245 17.47 -17.68 -9.12
CA SER B 245 17.79 -17.88 -7.72
C SER B 245 18.04 -16.60 -6.94
N SER B 246 18.22 -15.46 -7.58
CA SER B 246 18.37 -14.21 -6.82
C SER B 246 17.06 -13.44 -6.85
N TYR B 247 16.00 -14.15 -6.48
CA TYR B 247 14.63 -13.70 -6.62
C TYR B 247 14.18 -12.81 -5.49
N GLN B 248 15.05 -12.51 -4.51
CA GLN B 248 14.60 -11.94 -3.25
C GLN B 248 14.25 -10.48 -3.35
N LYS B 249 15.16 -9.65 -3.90
CA LYS B 249 14.85 -8.24 -4.04
C LYS B 249 13.62 -8.05 -4.91
N GLU B 250 13.46 -8.92 -5.91
CA GLU B 250 12.28 -8.86 -6.75
C GLU B 250 11.01 -9.09 -5.95
N LEU B 251 11.01 -10.15 -5.14
CA LEU B 251 9.85 -10.44 -4.31
C LEU B 251 9.53 -9.30 -3.37
N LEU B 252 10.56 -8.74 -2.72
CA LEU B 252 10.35 -7.66 -1.77
C LEU B 252 9.84 -6.39 -2.46
N LYS B 253 10.07 -6.23 -3.76
CA LYS B 253 9.46 -5.11 -4.46
C LYS B 253 7.94 -5.24 -4.48
N GLN B 254 7.42 -6.45 -4.55
CA GLN B 254 5.97 -6.67 -4.64
C GLN B 254 5.32 -7.00 -3.30
N ILE B 255 6.03 -7.67 -2.39
CA ILE B 255 5.49 -8.03 -1.08
C ILE B 255 6.33 -7.33 -0.04
N PRO B 256 5.72 -6.64 0.92
CA PRO B 256 6.49 -6.03 2.01
C PRO B 256 7.42 -7.01 2.71
N ALA B 257 8.39 -6.50 3.45
CA ALA B 257 9.32 -7.40 4.13
C ALA B 257 8.66 -8.10 5.31
N GLU B 258 7.80 -7.39 6.05
CA GLU B 258 7.11 -8.00 7.18
C GLU B 258 6.08 -9.03 6.75
N ASN B 259 5.64 -9.03 5.50
CA ASN B 259 4.66 -9.99 5.02
C ASN B 259 5.27 -11.16 4.25
N LEU B 260 6.57 -11.17 4.08
CA LEU B 260 7.18 -12.21 3.27
C LEU B 260 7.90 -13.20 4.16
N PRO B 261 7.65 -14.50 3.98
CA PRO B 261 8.35 -15.50 4.78
C PRO B 261 9.86 -15.36 4.68
N VAL B 262 10.54 -15.73 5.77
CA VAL B 262 11.97 -15.50 5.84
C VAL B 262 12.70 -16.40 4.85
N LYS B 263 12.24 -17.64 4.68
CA LYS B 263 12.91 -18.58 3.79
C LYS B 263 12.94 -18.06 2.37
N PHE B 264 12.08 -17.10 2.05
CA PHE B 264 12.09 -16.43 0.77
C PHE B 264 12.70 -15.04 0.86
N GLY B 265 13.27 -14.69 2.01
CA GLY B 265 14.00 -13.45 2.15
C GLY B 265 13.27 -12.34 2.85
N GLY B 266 12.08 -12.58 3.37
CA GLY B 266 11.34 -11.57 4.08
C GLY B 266 11.61 -11.55 5.57
N LYS B 267 10.67 -10.96 6.29
CA LYS B 267 10.74 -10.82 7.73
C LYS B 267 9.68 -11.64 8.42
N SER B 268 8.75 -12.19 7.70
CA SER B 268 7.61 -12.84 8.34
C SER B 268 7.97 -14.26 8.76
N GLU B 269 7.50 -14.65 9.95
CA GLU B 269 7.89 -15.91 10.55
C GLU B 269 6.80 -16.50 11.45
N VAL B 270 6.58 -17.80 11.36
CA VAL B 270 5.50 -18.47 12.07
C VAL B 270 6.13 -19.23 13.21
N ASP B 271 5.59 -19.04 14.40
CA ASP B 271 6.12 -19.74 15.55
C ASP B 271 6.02 -21.23 15.29
N GLU B 272 7.12 -21.95 15.49
CA GLU B 272 7.14 -23.38 15.24
C GLU B 272 6.17 -24.14 16.13
N SER B 273 5.73 -23.52 17.24
CA SER B 273 4.70 -24.12 18.09
C SER B 273 3.50 -24.54 17.26
N LYS B 274 3.18 -23.73 16.25
CA LYS B 274 1.97 -23.86 15.45
C LYS B 274 2.20 -24.70 14.19
N GLY B 275 3.20 -25.57 14.22
CA GLY B 275 3.53 -26.36 13.05
C GLY B 275 4.34 -25.63 12.00
N GLY B 276 4.70 -24.38 12.23
CA GLY B 276 5.55 -23.64 11.31
C GLY B 276 4.77 -23.04 10.13
N LEU B 277 5.52 -22.69 9.09
CA LEU B 277 4.89 -22.12 7.91
C LEU B 277 3.95 -23.12 7.24
N TYR B 278 4.41 -24.36 7.04
CA TYR B 278 3.70 -25.30 6.18
C TYR B 278 2.28 -25.59 6.65
N LEU B 279 2.04 -25.59 7.96
CA LEU B 279 0.72 -25.83 8.50
C LEU B 279 -0.05 -24.56 8.81
N SER B 280 0.49 -23.42 8.42
CA SER B 280 -0.10 -22.14 8.75
C SER B 280 -1.06 -21.67 7.65
N ASP B 281 -1.91 -20.72 8.01
CA ASP B 281 -2.74 -20.05 7.06
C ASP B 281 -3.05 -18.67 7.62
N ILE B 282 -2.01 -17.85 7.78
CA ILE B 282 -2.13 -16.51 8.36
C ILE B 282 -2.45 -15.49 7.28
N GLY B 283 -3.42 -14.62 7.56
CA GLY B 283 -3.79 -13.52 6.70
C GLY B 283 -4.97 -12.76 7.27
N PRO B 284 -5.53 -11.81 6.51
CA PRO B 284 -6.72 -11.09 6.98
C PRO B 284 -7.95 -11.98 7.13
N TRP B 285 -8.07 -13.04 6.34
CA TRP B 285 -9.19 -13.98 6.43
C TRP B 285 -9.21 -14.75 7.75
N ARG B 286 -8.21 -14.57 8.60
CA ARG B 286 -8.20 -15.08 9.97
C ARG B 286 -8.35 -13.99 11.01
N ASP B 287 -8.45 -12.72 10.61
CA ASP B 287 -8.61 -11.61 11.55
C ASP B 287 -10.10 -11.30 11.74
N PRO B 288 -10.59 -11.26 12.98
CA PRO B 288 -12.01 -10.93 13.18
C PRO B 288 -12.36 -9.51 12.82
N LYS B 289 -11.35 -8.63 12.74
CA LYS B 289 -11.57 -7.28 12.22
C LYS B 289 -12.01 -7.34 10.76
N TYR B 290 -11.52 -8.32 10.00
CA TYR B 290 -11.75 -8.43 8.56
C TYR B 290 -12.58 -9.63 8.13
N ILE B 291 -13.01 -10.48 9.01
CA ILE B 291 -13.92 -11.54 8.60
C ILE B 291 -15.34 -11.00 8.65
N GLY B 292 -16.12 -11.30 7.63
CA GLY B 292 -17.46 -10.77 7.54
C GLY B 292 -18.50 -11.85 7.65
N PRO B 293 -19.70 -11.58 7.12
CA PRO B 293 -20.82 -12.51 7.27
C PRO B 293 -20.67 -13.79 6.46
N GLU B 294 -19.57 -13.98 5.75
CA GLU B 294 -19.35 -15.20 4.99
C GLU B 294 -18.79 -16.33 5.84
N GLY B 295 -18.20 -15.99 6.98
CA GLY B 295 -17.59 -16.97 7.85
C GLY B 295 -16.08 -16.94 7.76
N GLU B 296 -15.46 -17.62 8.72
CA GLU B 296 -14.04 -17.88 8.65
C GLU B 296 -13.80 -19.11 7.80
N ALA B 297 -12.87 -19.01 6.86
CA ALA B 297 -12.61 -20.11 5.97
C ALA B 297 -12.21 -21.34 6.78
N PRO B 298 -12.57 -22.53 6.29
CA PRO B 298 -12.09 -23.76 6.93
C PRO B 298 -10.59 -23.70 7.18
N GLU B 299 -10.17 -24.34 8.25
CA GLU B 299 -8.76 -24.37 8.62
C GLU B 299 -7.95 -25.12 7.57
N ALA B 300 -6.63 -24.89 7.61
CA ALA B 300 -5.72 -25.56 6.69
C ALA B 300 -5.86 -27.07 6.81
N PHE B 301 -5.68 -27.59 8.02
CA PHE B 301 -5.80 -29.01 8.31
C PHE B 301 -6.71 -29.21 9.50
N POV C . 7.25 20.53 6.02
P POV C . 7.78 16.64 8.95
C1 POV C . 8.40 17.91 11.16
C2 POV C . 9.66 18.37 11.89
C3 POV C . 9.59 18.21 13.38
C210 POV C . 19.73 24.77 9.67
C310 POV C . 21.94 18.62 12.50
C11 POV C . 7.07 18.73 7.74
O11 POV C . 8.78 16.99 10.17
C211 POV C . 18.93 26.03 9.60
C311 POV C . 22.94 19.74 12.75
C12 POV C . 7.04 19.07 6.27
O12 POV C . 8.19 17.99 8.10
C212 POV C . 18.98 26.77 10.93
C312 POV C . 23.67 20.19 11.50
C13 POV C . 7.83 20.70 4.67
O13 POV C . 8.35 15.51 8.20
C213 POV C . 19.57 28.15 10.79
C313 POV C . 24.06 21.67 11.47
C14 POV C . 5.92 21.17 6.06
O14 POV C . 6.32 16.73 9.23
C214 POV C . 18.55 29.24 11.12
C314 POV C . 24.45 22.07 10.06
C15 POV C . 8.07 21.22 7.05
C215 POV C . 19.17 30.62 11.04
C315 POV C . 25.87 22.62 9.88
C216 POV C . 18.13 31.73 11.13
C316 POV C . 26.78 21.86 8.90
C217 POV C . 18.28 32.78 10.03
C218 POV C . 19.72 32.87 9.56
C21 POV C . 10.95 20.02 10.82
O21 POV C . 9.95 19.74 11.65
C22 POV C . 12.29 19.85 11.49
O22 POV C . 10.77 20.34 9.67
C23 POV C . 13.49 20.51 10.84
C24 POV C . 14.31 21.22 11.90
C25 POV C . 15.53 21.94 11.37
C26 POV C . 16.81 21.53 12.08
C27 POV C . 18.07 21.80 11.29
C28 POV C . 18.04 23.20 10.71
C29 POV C . 19.37 23.57 10.14
C31 POV C . 11.38 17.66 14.83
O31 POV C . 10.71 17.40 13.73
C32 POV C . 12.73 17.02 14.83
O32 POV C . 10.93 18.35 15.69
C33 POV C . 13.91 17.90 14.49
C34 POV C . 15.23 17.30 14.98
C35 POV C . 16.24 17.01 13.89
C36 POV C . 17.08 18.22 13.59
C37 POV C . 18.51 18.15 14.10
C38 POV C . 19.55 17.92 13.00
C39 POV C . 20.54 19.06 12.89
C1 GOL D . 24.87 10.59 -1.09
O1 GOL D . 24.61 9.41 -0.39
C2 GOL D . 23.70 11.56 -0.81
O2 GOL D . 24.08 12.65 -0.06
C3 GOL D . 23.16 11.97 -2.18
O3 GOL D . 24.18 12.64 -2.83
C1 EDO E . 3.93 14.90 17.27
O1 EDO E . 2.53 15.11 17.51
C2 EDO E . 4.13 13.98 16.08
O2 EDO E . 3.41 14.50 14.96
N POV F . -5.70 -20.49 -6.04
P POV F . -3.70 -18.27 -9.39
C1 POV F . -2.45 -19.77 -10.97
C2 POV F . -2.76 -21.10 -11.65
C3 POV F . -3.92 -21.04 -12.59
C210 POV F . 1.81 -30.84 -10.23
C310 POV F . 6.31 -25.93 -14.04
C11 POV F . -3.65 -19.38 -7.06
O11 POV F . -3.63 -19.08 -10.78
C211 POV F . 0.99 -31.56 -9.22
C311 POV F . 6.45 -27.44 -14.08
C12 POV F . -5.04 -19.23 -6.49
O12 POV F . -3.67 -19.61 -8.44
C212 POV F . -0.21 -32.30 -9.85
C312 POV F . 7.77 -27.95 -13.50
C13 POV F . -5.45 -21.66 -6.93
O13 POV F . -2.38 -17.65 -9.15
C213 POV F . 0.12 -33.03 -11.13
C313 POV F . 7.74 -29.40 -13.02
C14 POV F . -5.14 -20.79 -4.70
O14 POV F . -4.98 -17.55 -9.20
C214 POV F . 0.08 -34.55 -10.99
C314 POV F . 6.97 -29.59 -11.72
C15 POV F . -7.16 -20.29 -5.90
C215 POV F . -1.31 -35.10 -10.73
C315 POV F . 7.27 -30.91 -11.05
C216 POV F . -1.20 -36.28 -9.77
C316 POV F . 6.92 -32.09 -11.93
C217 POV F . -2.48 -37.08 -9.61
C218 POV F . -2.15 -38.41 -8.97
C21 POV F . -2.03 -22.82 -10.26
O21 POV F . -3.05 -22.11 -10.70
C22 POV F . -1.88 -24.09 -11.03
O22 POV F . -1.30 -22.47 -9.37
C23 POV F . -0.46 -24.61 -10.96
C24 POV F . -0.36 -25.81 -11.88
C25 POV F . 0.56 -26.89 -11.34
C26 POV F . 1.82 -27.01 -12.15
C27 POV F . 2.97 -27.48 -11.29
C28 POV F . 3.13 -28.99 -11.25
C29 POV F . 2.31 -29.61 -10.17
C31 POV F . -2.50 -21.37 -14.45
O31 POV F . -3.52 -21.79 -13.73
C32 POV F . -1.82 -22.52 -15.16
O32 POV F . -2.18 -20.21 -14.52
C33 POV F . -0.45 -22.28 -15.75
C34 POV F . 0.52 -21.64 -14.78
C35 POV F . 1.97 -22.04 -14.99
C36 POV F . 2.13 -23.56 -14.89
C37 POV F . 3.46 -24.11 -15.34
C38 POV F . 4.53 -24.10 -14.25
C39 POV F . 4.88 -25.50 -13.77
C1 PEG G . -4.57 -4.52 10.51
O1 PEG G . -5.82 -4.38 11.18
C2 PEG G . -4.35 -5.91 9.99
O2 PEG G . -4.46 -5.93 8.57
C3 PEG G . -3.22 -6.13 7.90
C4 PEG G . -3.32 -5.75 6.45
O4 PEG G . -2.10 -5.21 5.97
C1 PEG H . -8.91 -15.16 -19.46
O1 PEG H . -9.76 -16.10 -20.08
C2 PEG H . -8.61 -15.54 -18.04
O2 PEG H . -7.96 -14.48 -17.36
C3 PEG H . -6.56 -14.65 -17.29
C4 PEG H . -6.05 -14.01 -16.04
O4 PEG H . -6.75 -14.48 -14.90
C1 PEG I . -1.67 -28.81 0.19
O1 PEG I . -0.73 -29.64 -0.48
C2 PEG I . -1.31 -28.49 1.62
O2 PEG I . -0.10 -27.75 1.72
C3 PEG I . 0.31 -27.59 3.08
C4 PEG I . 1.81 -27.52 3.17
O4 PEG I . 2.40 -28.69 3.74
C1 GOL J . 15.02 -20.67 -0.81
O1 GOL J . 15.16 -19.95 -1.99
C2 GOL J . 13.60 -21.26 -0.85
O2 GOL J . 13.42 -22.13 -1.91
C3 GOL J . 13.40 -21.94 0.53
O3 GOL J . 14.12 -23.13 0.50
#